data_7IB1
#
_entry.id   7IB1
#
_cell.length_a   60.620
_cell.length_b   60.620
_cell.length_c   214.920
_cell.angle_alpha   90.00
_cell.angle_beta   90.00
_cell.angle_gamma   90.00
#
_symmetry.space_group_name_H-M   'P 43 21 2'
#
loop_
_entity.id
_entity.type
_entity.pdbx_description
1 polymer 'NS2B co-factor'
2 polymer 'NS3 protease'
3 non-polymer N-(2-aminoethyl)thiophene-2-carboxamide
4 water water
#
loop_
_entity_poly.entity_id
_entity_poly.type
_entity_poly.pdbx_seq_one_letter_code
_entity_poly.pdbx_strand_id
1 'polypeptide(L)' MTGKSVDMYIERAGDITWEKDAEVTGNSPRLDVALDESGDFSLVEEDGPPMRE A,C
2 'polypeptide(L)'
;GALWDVPAPKEVKKGETTDGVYRVMTRRLLGSTQVGVGVMQEGVFHTMWHVTKGAALRSGEGRLDPYWGDVKQDLVSYCG
PWKLDAAWDGLSEVQLLAVPPGERAKNIQTLPGIFKTKDGDIGAVALDYPAGTSGSPILDKSGRVIGLYGNGVVIKNGSY
VSAITQGKREEETPVE
;
B,D
#
# COMPACT_ATOMS: atom_id res chain seq x y z
N ASP A 7 -18.03 13.98 0.63
CA ASP A 7 -16.89 14.88 0.56
C ASP A 7 -15.70 14.16 -0.07
N MET A 8 -15.60 14.26 -1.39
CA MET A 8 -14.42 13.86 -2.14
C MET A 8 -13.61 15.11 -2.46
N TYR A 9 -12.30 15.07 -2.21
CA TYR A 9 -11.48 16.27 -2.33
C TYR A 9 -10.08 15.89 -2.81
N ILE A 10 -9.31 16.88 -3.28
CA ILE A 10 -7.98 16.60 -3.82
C ILE A 10 -6.89 17.35 -3.05
N GLU A 11 -5.71 16.73 -3.01
CA GLU A 11 -4.52 17.31 -2.37
C GLU A 11 -3.34 17.10 -3.32
N ARG A 12 -2.55 18.14 -3.54
CA ARG A 12 -1.42 18.00 -4.45
C ARG A 12 -0.36 17.09 -3.84
N ALA A 13 0.22 16.24 -4.69
CA ALA A 13 1.24 15.30 -4.25
C ALA A 13 2.58 15.44 -4.95
N GLY A 14 2.67 16.16 -6.08
CA GLY A 14 3.95 16.30 -6.72
C GLY A 14 3.84 16.89 -8.10
N ASP A 15 5.01 17.21 -8.66
CA ASP A 15 5.18 17.58 -10.05
C ASP A 15 5.15 16.31 -10.92
N ILE A 16 4.78 16.47 -12.18
CA ILE A 16 4.87 15.38 -13.13
C ILE A 16 6.24 15.46 -13.80
N THR A 17 7.16 14.58 -13.38
N THR A 17 7.16 14.60 -13.36
CA THR A 17 8.53 14.61 -13.85
CA THR A 17 8.51 14.59 -13.89
C THR A 17 9.09 13.19 -13.91
C THR A 17 9.06 13.17 -13.94
N TRP A 18 9.89 12.93 -14.95
CA TRP A 18 10.71 11.73 -14.99
C TRP A 18 11.84 11.88 -13.97
N GLU A 19 12.21 10.78 -13.32
CA GLU A 19 13.30 10.76 -12.34
C GLU A 19 14.42 9.84 -12.82
N LYS A 20 15.64 10.37 -12.95
CA LYS A 20 16.76 9.55 -13.41
C LYS A 20 17.06 8.40 -12.46
N ASP A 21 16.80 8.57 -11.16
CA ASP A 21 17.17 7.60 -10.13
C ASP A 21 16.01 6.69 -9.73
N ALA A 22 15.09 6.43 -10.66
CA ALA A 22 13.93 5.61 -10.33
C ALA A 22 14.30 4.14 -10.16
N GLU A 23 13.73 3.53 -9.13
CA GLU A 23 13.56 2.08 -9.04
C GLU A 23 13.06 1.51 -10.36
N VAL A 24 13.58 0.33 -10.73
CA VAL A 24 13.21 -0.34 -11.98
C VAL A 24 12.71 -1.75 -11.62
N THR A 25 11.59 -2.15 -12.21
CA THR A 25 11.05 -3.47 -11.89
C THR A 25 9.88 -3.80 -12.82
N GLY A 26 9.47 -5.05 -12.79
CA GLY A 26 8.28 -5.49 -13.50
C GLY A 26 8.60 -6.11 -14.84
N ASN A 27 7.80 -7.09 -15.25
N ASN A 27 7.77 -7.09 -15.24
CA ASN A 27 7.99 -7.75 -16.53
CA ASN A 27 7.90 -7.80 -16.49
C ASN A 27 7.06 -7.13 -17.59
C ASN A 27 7.17 -7.06 -17.62
N SER A 28 7.11 -7.68 -18.80
CA SER A 28 6.48 -7.08 -19.98
CA SER A 28 6.48 -7.08 -19.99
C SER A 28 5.68 -8.14 -20.73
N PRO A 29 4.60 -8.61 -20.12
CA PRO A 29 3.84 -9.70 -20.72
C PRO A 29 3.04 -9.27 -21.95
N ARG A 30 2.86 -10.22 -22.87
CA ARG A 30 2.04 -10.02 -24.06
C ARG A 30 0.78 -10.86 -23.87
N LEU A 31 -0.36 -10.19 -23.83
CA LEU A 31 -1.61 -10.79 -23.44
C LEU A 31 -2.69 -10.48 -24.46
N ASP A 32 -3.47 -11.49 -24.84
CA ASP A 32 -4.67 -11.28 -25.62
C ASP A 32 -5.82 -10.97 -24.67
N VAL A 33 -6.50 -9.83 -24.88
CA VAL A 33 -7.57 -9.41 -24.01
C VAL A 33 -8.74 -8.85 -24.83
N ALA A 34 -9.90 -8.80 -24.18
CA ALA A 34 -11.08 -8.19 -24.73
C ALA A 34 -11.58 -7.12 -23.74
N LEU A 35 -12.17 -6.06 -24.27
CA LEU A 35 -12.68 -4.97 -23.45
C LEU A 35 -14.18 -4.89 -23.67
N ASP A 36 -14.97 -5.13 -22.60
CA ASP A 36 -16.40 -5.15 -22.74
C ASP A 36 -17.02 -3.77 -22.47
N GLU A 37 -18.34 -3.71 -22.59
CA GLU A 37 -19.03 -2.43 -22.57
C GLU A 37 -18.89 -1.73 -21.23
N SER A 38 -18.66 -2.48 -20.16
CA SER A 38 -18.51 -1.96 -18.80
C SER A 38 -17.09 -1.53 -18.49
N GLY A 39 -16.21 -1.53 -19.49
CA GLY A 39 -14.86 -1.08 -19.25
C GLY A 39 -13.96 -2.15 -18.67
N ASP A 40 -14.45 -3.38 -18.57
CA ASP A 40 -13.68 -4.47 -17.96
C ASP A 40 -12.90 -5.24 -19.01
N PHE A 41 -11.60 -5.40 -18.75
CA PHE A 41 -10.74 -6.27 -19.53
C PHE A 41 -10.86 -7.72 -19.06
N SER A 42 -10.85 -8.65 -20.00
CA SER A 42 -10.74 -10.07 -19.67
C SER A 42 -9.77 -10.75 -20.65
N LEU A 43 -9.20 -11.87 -20.22
CA LEU A 43 -8.32 -12.62 -21.09
C LEU A 43 -9.12 -13.35 -22.16
N VAL A 44 -8.48 -13.56 -23.31
CA VAL A 44 -9.07 -14.29 -24.43
C VAL A 44 -8.14 -15.44 -24.79
N THR B 17 -5.66 24.31 -8.96
CA THR B 17 -5.60 24.55 -10.39
C THR B 17 -4.22 24.25 -10.94
N THR B 18 -3.21 24.23 -10.06
CA THR B 18 -1.81 24.07 -10.46
C THR B 18 -1.55 22.69 -11.09
N ASP B 19 -0.73 22.68 -12.14
CA ASP B 19 -0.34 21.43 -12.77
C ASP B 19 0.31 20.50 -11.75
N GLY B 20 0.00 19.23 -11.83
CA GLY B 20 0.64 18.27 -10.97
C GLY B 20 -0.18 17.02 -10.81
N VAL B 21 0.37 16.09 -10.01
CA VAL B 21 -0.33 14.86 -9.64
C VAL B 21 -0.94 15.08 -8.26
N TYR B 22 -2.16 14.56 -8.07
CA TYR B 22 -3.00 14.84 -6.89
C TYR B 22 -3.57 13.54 -6.32
N ARG B 23 -3.67 13.46 -4.99
CA ARG B 23 -4.49 12.44 -4.33
C ARG B 23 -5.96 12.82 -4.41
N VAL B 24 -6.79 11.80 -4.64
CA VAL B 24 -8.24 11.91 -4.51
C VAL B 24 -8.64 11.24 -3.19
N MET B 25 -9.19 12.03 -2.30
CA MET B 25 -9.50 11.65 -0.92
C MET B 25 -11.01 11.66 -0.70
N THR B 26 -11.46 10.88 0.28
CA THR B 26 -12.86 10.87 0.66
C THR B 26 -13.04 10.80 2.16
N ARG B 27 -14.14 11.39 2.62
CA ARG B 27 -14.61 11.28 4.01
C ARG B 27 -16.04 10.76 4.06
N GLY B 31 -13.04 9.69 9.50
CA GLY B 31 -11.70 9.54 8.95
C GLY B 31 -11.59 9.63 7.42
N SER B 32 -10.39 9.88 6.91
CA SER B 32 -10.17 10.05 5.48
C SER B 32 -9.46 8.84 4.90
N THR B 33 -9.77 8.57 3.64
CA THR B 33 -9.24 7.47 2.86
C THR B 33 -8.82 8.02 1.51
N GLN B 34 -7.75 7.47 0.94
CA GLN B 34 -7.37 7.80 -0.42
C GLN B 34 -8.01 6.78 -1.36
N VAL B 35 -8.86 7.26 -2.28
CA VAL B 35 -9.53 6.38 -3.22
C VAL B 35 -8.86 6.39 -4.60
N GLY B 36 -7.98 7.34 -4.85
CA GLY B 36 -7.32 7.39 -6.14
C GLY B 36 -6.40 8.58 -6.29
N VAL B 37 -6.06 8.83 -7.56
CA VAL B 37 -5.04 9.79 -7.96
C VAL B 37 -5.52 10.42 -9.27
N GLY B 38 -5.03 11.62 -9.55
CA GLY B 38 -5.32 12.19 -10.85
C GLY B 38 -4.29 13.24 -11.23
N VAL B 39 -4.47 13.78 -12.45
CA VAL B 39 -3.51 14.66 -13.09
C VAL B 39 -4.21 15.98 -13.41
N MET B 40 -3.64 17.07 -12.93
CA MET B 40 -4.02 18.42 -13.35
C MET B 40 -3.11 18.88 -14.47
N GLN B 41 -3.70 19.24 -15.61
CA GLN B 41 -2.90 19.77 -16.71
C GLN B 41 -3.81 20.70 -17.52
N GLU B 42 -3.29 21.89 -17.84
CA GLU B 42 -4.02 22.90 -18.62
C GLU B 42 -5.39 23.19 -18.01
N GLY B 43 -5.43 23.28 -16.68
CA GLY B 43 -6.67 23.63 -16.01
C GLY B 43 -7.72 22.53 -15.98
N VAL B 44 -7.37 21.30 -16.35
CA VAL B 44 -8.30 20.18 -16.37
C VAL B 44 -7.77 19.08 -15.48
N PHE B 45 -8.66 18.50 -14.68
CA PHE B 45 -8.31 17.38 -13.81
C PHE B 45 -8.74 16.08 -14.46
N HIS B 46 -7.80 15.15 -14.58
CA HIS B 46 -7.97 13.88 -15.22
C HIS B 46 -7.84 12.71 -14.24
N THR B 47 -8.80 11.79 -14.22
CA THR B 47 -8.71 10.60 -13.38
C THR B 47 -9.53 9.49 -14.00
N MET B 48 -9.62 8.38 -13.30
CA MET B 48 -10.35 7.22 -13.82
C MET B 48 -11.78 7.24 -13.32
N TRP B 49 -12.72 6.87 -14.18
CA TRP B 49 -14.14 6.91 -13.81
C TRP B 49 -14.41 6.09 -12.55
N HIS B 50 -13.77 4.92 -12.41
CA HIS B 50 -14.07 4.06 -11.26
C HIS B 50 -13.57 4.66 -9.95
N VAL B 51 -12.73 5.69 -10.01
CA VAL B 51 -12.28 6.35 -8.80
C VAL B 51 -13.38 7.26 -8.24
N THR B 52 -13.95 8.11 -9.08
CA THR B 52 -14.90 9.12 -8.63
C THR B 52 -16.34 8.83 -9.00
N LYS B 53 -16.58 7.97 -9.98
CA LYS B 53 -17.91 7.75 -10.54
C LYS B 53 -18.54 9.06 -11.00
N GLY B 54 -17.69 10.02 -11.33
CA GLY B 54 -18.16 11.28 -11.89
C GLY B 54 -18.59 12.30 -10.87
N ALA B 55 -18.44 12.03 -9.59
CA ALA B 55 -18.82 12.99 -8.56
C ALA B 55 -17.99 14.28 -8.65
N ALA B 56 -18.60 15.39 -8.27
CA ALA B 56 -17.86 16.63 -8.16
C ALA B 56 -16.77 16.49 -7.10
N LEU B 57 -15.71 17.27 -7.26
CA LEU B 57 -14.56 17.23 -6.37
C LEU B 57 -14.33 18.58 -5.70
N ARG B 58 -13.94 18.57 -4.44
CA ARG B 58 -13.55 19.77 -3.76
C ARG B 58 -12.06 19.98 -3.90
N SER B 59 -11.66 21.23 -4.16
CA SER B 59 -10.25 21.63 -4.13
C SER B 59 -10.17 22.93 -3.32
N GLY B 60 -9.78 22.81 -2.06
CA GLY B 60 -9.74 23.95 -1.18
C GLY B 60 -11.13 24.49 -0.97
N GLU B 61 -11.35 25.76 -1.28
CA GLU B 61 -12.67 26.38 -1.17
C GLU B 61 -13.48 26.25 -2.46
N GLY B 62 -12.89 25.68 -3.52
CA GLY B 62 -13.54 25.59 -4.81
C GLY B 62 -14.07 24.19 -5.11
N ARG B 63 -14.86 24.12 -6.15
CA ARG B 63 -15.49 22.88 -6.59
C ARG B 63 -15.11 22.62 -8.04
N LEU B 64 -14.78 21.36 -8.34
CA LEU B 64 -14.48 20.91 -9.70
C LEU B 64 -15.64 20.04 -10.16
N ASP B 65 -16.29 20.44 -11.27
CA ASP B 65 -17.42 19.70 -11.80
C ASP B 65 -17.00 18.84 -13.00
N PRO B 66 -17.61 17.66 -13.12
CA PRO B 66 -17.27 16.78 -14.24
C PRO B 66 -17.66 17.42 -15.57
N TYR B 67 -16.88 17.14 -16.60
CA TYR B 67 -17.06 17.72 -17.92
C TYR B 67 -17.28 16.67 -19.00
N TRP B 68 -16.52 15.58 -18.93
CA TRP B 68 -16.59 14.51 -19.90
C TRP B 68 -16.28 13.23 -19.14
N GLY B 69 -16.97 12.16 -19.48
CA GLY B 69 -16.60 10.86 -18.92
C GLY B 69 -17.10 9.71 -19.76
N ASP B 70 -16.44 8.55 -19.59
CA ASP B 70 -16.80 7.39 -20.39
C ASP B 70 -16.48 6.14 -19.58
N VAL B 71 -17.50 5.31 -19.33
CA VAL B 71 -17.31 4.11 -18.52
C VAL B 71 -16.43 3.10 -19.23
N LYS B 72 -16.56 2.98 -20.54
CA LYS B 72 -15.82 1.93 -21.24
C LYS B 72 -14.35 2.26 -21.28
N GLN B 73 -14.01 3.54 -21.45
CA GLN B 73 -12.61 3.91 -21.35
C GLN B 73 -12.15 4.00 -19.90
N ASP B 74 -13.09 4.05 -18.94
CA ASP B 74 -12.83 4.24 -17.52
C ASP B 74 -12.08 5.54 -17.23
N LEU B 75 -12.53 6.64 -17.85
CA LEU B 75 -11.89 7.95 -17.74
C LEU B 75 -12.92 9.03 -17.49
N VAL B 76 -12.48 10.11 -16.84
CA VAL B 76 -13.30 11.29 -16.60
C VAL B 76 -12.38 12.51 -16.53
N SER B 77 -12.88 13.64 -17.01
CA SER B 77 -12.21 14.92 -16.90
C SER B 77 -13.13 15.93 -16.23
N TYR B 78 -12.52 16.86 -15.51
CA TYR B 78 -13.19 17.92 -14.77
C TYR B 78 -12.70 19.27 -15.25
N CYS B 79 -13.62 20.23 -15.35
CA CYS B 79 -13.37 21.64 -15.68
C CYS B 79 -13.18 21.87 -17.17
N GLY B 80 -13.07 20.84 -17.97
CA GLY B 80 -12.79 20.97 -19.38
C GLY B 80 -12.57 19.61 -20.02
N PRO B 81 -12.28 19.61 -21.32
CA PRO B 81 -12.10 18.36 -22.04
C PRO B 81 -10.74 17.72 -21.77
N TRP B 82 -10.69 16.42 -22.01
CA TRP B 82 -9.48 15.63 -21.83
C TRP B 82 -8.32 16.23 -22.63
N LYS B 83 -7.20 16.48 -21.95
CA LYS B 83 -6.05 17.19 -22.52
C LYS B 83 -4.85 16.31 -22.84
N LEU B 84 -4.77 15.10 -22.29
CA LEU B 84 -3.57 14.30 -22.39
C LEU B 84 -3.60 13.47 -23.66
N ASP B 85 -2.57 13.58 -24.49
CA ASP B 85 -2.60 12.87 -25.75
C ASP B 85 -1.32 12.14 -26.13
N ALA B 86 -0.28 12.17 -25.31
CA ALA B 86 0.92 11.41 -25.68
C ALA B 86 0.63 9.92 -25.61
N ALA B 87 1.44 9.13 -26.32
CA ALA B 87 1.25 7.69 -26.40
C ALA B 87 2.59 6.95 -26.28
N TRP B 88 2.53 5.77 -25.69
CA TRP B 88 3.72 4.92 -25.64
C TRP B 88 4.25 4.66 -27.06
N ASP B 89 5.58 4.67 -27.18
CA ASP B 89 6.22 4.46 -28.49
C ASP B 89 6.38 2.99 -28.83
N GLY B 90 6.01 2.08 -27.93
CA GLY B 90 6.06 0.66 -28.20
C GLY B 90 7.41 -0.01 -28.01
N LEU B 91 8.45 0.74 -27.63
CA LEU B 91 9.80 0.20 -27.54
C LEU B 91 10.51 0.60 -26.25
N SER B 92 10.21 1.79 -25.74
CA SER B 92 10.96 2.40 -24.65
C SER B 92 10.40 2.11 -23.28
N GLU B 93 11.27 2.16 -22.29
CA GLU B 93 10.81 2.11 -20.92
C GLU B 93 10.05 3.39 -20.58
N VAL B 94 9.17 3.27 -19.61
CA VAL B 94 8.29 4.34 -19.13
C VAL B 94 8.45 4.40 -17.62
N GLN B 95 7.84 5.41 -17.00
CA GLN B 95 7.78 5.48 -15.54
C GLN B 95 6.35 5.63 -15.05
N LEU B 96 5.96 4.78 -14.12
CA LEU B 96 4.73 5.00 -13.34
C LEU B 96 5.06 6.00 -12.23
N LEU B 97 4.38 7.14 -12.22
CA LEU B 97 4.50 8.09 -11.10
C LEU B 97 3.42 7.73 -10.08
N ALA B 98 3.75 6.75 -9.25
CA ALA B 98 2.81 6.17 -8.32
C ALA B 98 2.63 7.06 -7.10
N VAL B 99 1.38 7.28 -6.71
CA VAL B 99 1.13 8.03 -5.49
C VAL B 99 0.32 7.13 -4.56
N PRO B 100 0.95 6.19 -3.86
CA PRO B 100 0.20 5.26 -3.03
C PRO B 100 -0.36 5.95 -1.80
N PRO B 101 -1.44 5.43 -1.22
CA PRO B 101 -1.95 6.00 0.03
C PRO B 101 -0.84 6.04 1.09
N GLY B 102 -0.68 7.20 1.71
CA GLY B 102 0.27 7.35 2.79
C GLY B 102 1.74 7.39 2.40
N GLU B 103 2.05 7.45 1.11
CA GLU B 103 3.43 7.42 0.65
C GLU B 103 3.70 8.58 -0.28
N ARG B 104 4.94 9.04 -0.23
CA ARG B 104 5.37 10.10 -1.12
C ARG B 104 5.26 9.65 -2.57
N ALA B 105 4.88 10.56 -3.46
CA ALA B 105 4.95 10.28 -4.89
C ALA B 105 6.32 9.71 -5.25
N LYS B 106 6.33 8.64 -6.04
CA LYS B 106 7.57 7.96 -6.39
C LYS B 106 7.50 7.41 -7.81
N ASN B 107 8.65 7.37 -8.47
CA ASN B 107 8.72 6.91 -9.86
C ASN B 107 9.22 5.49 -9.91
N ILE B 108 8.53 4.66 -10.68
CA ILE B 108 8.86 3.26 -10.90
C ILE B 108 9.02 3.05 -12.40
N GLN B 109 10.24 2.76 -12.85
CA GLN B 109 10.54 2.60 -14.27
C GLN B 109 10.32 1.15 -14.68
N THR B 110 9.75 0.94 -15.87
CA THR B 110 9.47 -0.41 -16.36
C THR B 110 9.37 -0.39 -17.89
N LEU B 111 9.53 -1.56 -18.51
CA LEU B 111 9.20 -1.74 -19.91
C LEU B 111 7.79 -2.30 -20.02
N PRO B 112 6.84 -1.60 -20.61
CA PRO B 112 5.48 -2.17 -20.73
C PRO B 112 5.48 -3.45 -21.55
N GLY B 113 4.55 -4.34 -21.20
CA GLY B 113 4.09 -5.35 -22.12
C GLY B 113 2.94 -4.79 -22.95
N ILE B 114 2.11 -5.71 -23.47
CA ILE B 114 1.12 -5.32 -24.46
C ILE B 114 -0.19 -6.06 -24.19
N PHE B 115 -1.31 -5.31 -24.21
CA PHE B 115 -2.63 -5.89 -24.37
C PHE B 115 -2.95 -5.91 -25.88
N LYS B 116 -3.07 -7.11 -26.46
CA LYS B 116 -3.47 -7.29 -27.84
C LYS B 116 -4.98 -7.42 -27.92
N THR B 117 -5.64 -6.51 -28.62
CA THR B 117 -7.10 -6.56 -28.73
C THR B 117 -7.50 -6.54 -30.20
N LYS B 118 -8.78 -6.86 -30.43
CA LYS B 118 -9.33 -6.83 -31.78
C LYS B 118 -9.22 -5.44 -32.40
N ASP B 119 -9.11 -4.40 -31.58
CA ASP B 119 -9.05 -3.02 -32.07
C ASP B 119 -7.65 -2.44 -31.99
N GLY B 120 -6.63 -3.25 -31.76
CA GLY B 120 -5.26 -2.79 -31.72
C GLY B 120 -4.62 -3.05 -30.37
N ASP B 121 -3.33 -2.70 -30.30
CA ASP B 121 -2.51 -2.96 -29.13
C ASP B 121 -2.47 -1.76 -28.20
N ILE B 122 -2.42 -2.04 -26.90
CA ILE B 122 -2.37 -1.07 -25.82
C ILE B 122 -1.19 -1.46 -24.94
N GLY B 123 -0.39 -0.50 -24.54
CA GLY B 123 0.67 -0.80 -23.60
C GLY B 123 0.07 -1.20 -22.25
N ALA B 124 0.85 -1.98 -21.50
CA ALA B 124 0.37 -2.46 -20.21
C ALA B 124 1.56 -2.57 -19.25
N VAL B 125 1.35 -2.24 -17.97
CA VAL B 125 2.44 -2.33 -17.00
C VAL B 125 2.11 -3.34 -15.92
N ALA B 126 3.09 -4.22 -15.64
CA ALA B 126 2.90 -5.35 -14.75
C ALA B 126 3.41 -4.96 -13.37
N LEU B 127 2.70 -3.99 -12.82
CA LEU B 127 2.97 -3.39 -11.52
C LEU B 127 1.70 -3.47 -10.69
N ASP B 128 1.84 -3.85 -9.41
CA ASP B 128 0.69 -4.11 -8.56
C ASP B 128 0.79 -3.28 -7.28
N TYR B 129 0.17 -2.07 -7.29
CA TYR B 129 0.11 -1.14 -6.17
C TYR B 129 -1.29 -1.10 -5.55
N PRO B 130 -1.43 -0.55 -4.33
CA PRO B 130 -2.77 -0.51 -3.69
C PRO B 130 -3.82 0.18 -4.57
N ALA B 131 -5.10 -0.18 -4.35
CA ALA B 131 -6.16 0.30 -5.24
C ALA B 131 -6.23 1.81 -5.29
N GLY B 132 -5.86 2.46 -4.19
CA GLY B 132 -5.90 3.90 -4.09
C GLY B 132 -4.87 4.59 -4.94
N THR B 133 -4.00 3.82 -5.59
CA THR B 133 -3.05 4.34 -6.57
C THR B 133 -3.69 4.50 -7.93
N SER B 134 -4.93 4.03 -8.13
CA SER B 134 -5.58 4.14 -9.44
C SER B 134 -5.69 5.60 -9.85
N GLY B 135 -5.36 5.89 -11.12
CA GLY B 135 -5.30 7.24 -11.63
C GLY B 135 -3.91 7.83 -11.66
N SER B 136 -2.92 7.13 -11.10
CA SER B 136 -1.55 7.60 -11.16
C SER B 136 -1.09 7.65 -12.62
N PRO B 137 -0.35 8.69 -13.00
CA PRO B 137 0.06 8.82 -14.39
C PRO B 137 1.26 7.97 -14.74
N ILE B 138 1.28 7.52 -15.99
CA ILE B 138 2.42 6.84 -16.58
C ILE B 138 3.06 7.83 -17.56
N LEU B 139 4.38 7.96 -17.49
CA LEU B 139 5.13 8.98 -18.23
C LEU B 139 6.09 8.37 -19.24
N ASP B 140 6.29 9.09 -20.35
CA ASP B 140 7.44 8.80 -21.22
C ASP B 140 8.65 9.61 -20.80
N LYS B 141 9.77 9.40 -21.50
CA LYS B 141 11.04 10.00 -21.11
C LYS B 141 11.00 11.53 -21.14
N SER B 142 10.14 12.11 -21.97
CA SER B 142 10.00 13.55 -22.03
C SER B 142 9.17 14.12 -20.88
N GLY B 143 8.61 13.26 -20.02
CA GLY B 143 7.76 13.73 -18.95
C GLY B 143 6.31 13.87 -19.34
N ARG B 144 5.93 13.47 -20.55
CA ARG B 144 4.53 13.57 -20.99
C ARG B 144 3.72 12.39 -20.44
N VAL B 145 2.46 12.66 -20.07
CA VAL B 145 1.58 11.62 -19.55
C VAL B 145 1.03 10.81 -20.72
N ILE B 146 1.41 9.54 -20.81
CA ILE B 146 0.96 8.65 -21.86
C ILE B 146 -0.26 7.80 -21.45
N GLY B 147 -0.74 7.94 -20.22
CA GLY B 147 -1.97 7.29 -19.80
C GLY B 147 -2.00 7.20 -18.29
N LEU B 148 -3.11 6.63 -17.78
CA LEU B 148 -3.33 6.45 -16.35
C LEU B 148 -3.35 4.97 -15.96
N TYR B 149 -2.89 4.73 -14.72
CA TYR B 149 -2.80 3.40 -14.09
C TYR B 149 -4.05 3.02 -13.32
N GLY B 150 -4.47 1.75 -13.48
CA GLY B 150 -5.54 1.21 -12.63
C GLY B 150 -6.74 0.56 -13.28
N ASN B 151 -6.75 0.35 -14.60
CA ASN B 151 -7.73 -0.55 -15.21
C ASN B 151 -6.97 -1.67 -15.92
N GLY B 152 -7.22 -2.91 -15.52
CA GLY B 152 -6.41 -4.01 -15.99
C GLY B 152 -7.04 -5.38 -15.88
N VAL B 153 -6.16 -6.40 -15.82
CA VAL B 153 -6.56 -7.80 -15.77
C VAL B 153 -5.58 -8.51 -14.86
N VAL B 154 -5.99 -9.70 -14.40
CA VAL B 154 -5.15 -10.59 -13.59
C VAL B 154 -4.70 -11.79 -14.43
N ILE B 155 -3.40 -12.09 -14.38
CA ILE B 155 -2.87 -13.21 -15.14
C ILE B 155 -2.48 -14.39 -14.24
N GLY B 158 -1.22 -15.01 -10.83
CA GLY B 158 -2.18 -14.13 -10.19
C GLY B 158 -1.73 -12.68 -9.96
N SER B 159 -0.86 -12.18 -10.83
CA SER B 159 -0.43 -10.79 -10.73
C SER B 159 -1.31 -9.89 -11.57
N TYR B 160 -1.48 -8.67 -11.08
CA TYR B 160 -2.22 -7.64 -11.79
C TYR B 160 -1.36 -7.02 -12.86
N VAL B 161 -1.98 -6.71 -13.99
CA VAL B 161 -1.36 -5.96 -15.08
C VAL B 161 -2.31 -4.85 -15.50
N SER B 162 -1.84 -3.61 -15.51
CA SER B 162 -2.66 -2.44 -15.81
C SER B 162 -2.48 -2.03 -17.25
N ALA B 163 -3.60 -1.76 -17.93
CA ALA B 163 -3.50 -1.06 -19.19
C ALA B 163 -2.85 0.30 -18.96
N ILE B 164 -2.18 0.81 -19.98
CA ILE B 164 -1.85 2.24 -20.02
C ILE B 164 -3.03 2.93 -20.69
N THR B 165 -3.94 3.50 -19.88
CA THR B 165 -5.21 4.00 -20.41
C THR B 165 -5.07 5.47 -20.76
N GLN B 166 -5.22 5.81 -22.05
CA GLN B 166 -5.15 7.18 -22.53
C GLN B 166 -6.48 7.58 -23.18
N GLY B 167 -6.87 8.85 -23.01
CA GLY B 167 -8.04 9.40 -23.64
C GLY B 167 -7.75 10.03 -24.99
N LYS B 168 -8.75 10.71 -25.53
CA LYS B 168 -8.62 11.39 -26.81
C LYS B 168 -8.72 12.90 -26.60
N ARG B 169 -7.74 13.61 -27.12
CA ARG B 169 -7.75 15.07 -27.17
C ARG B 169 -8.22 15.56 -28.53
N VAL C 6 12.28 9.65 25.36
CA VAL C 6 13.37 10.28 24.60
C VAL C 6 12.84 10.77 23.25
N ASP C 7 13.16 10.05 22.17
CA ASP C 7 12.79 10.51 20.82
C ASP C 7 11.36 10.12 20.44
N MET C 8 10.84 9.02 20.98
CA MET C 8 9.59 8.46 20.50
C MET C 8 8.58 8.31 21.64
N TYR C 9 7.29 8.31 21.27
CA TYR C 9 6.22 8.15 22.24
C TYR C 9 5.11 7.31 21.62
N ILE C 10 4.25 6.75 22.46
CA ILE C 10 3.17 5.90 21.99
C ILE C 10 1.84 6.57 22.29
N GLU C 11 0.87 6.36 21.39
CA GLU C 11 -0.48 6.88 21.60
C GLU C 11 -1.49 5.88 21.08
N ARG C 12 -2.60 5.79 21.80
CA ARG C 12 -3.57 4.73 21.56
C ARG C 12 -4.18 4.88 20.18
N ALA C 13 -4.42 3.73 19.52
CA ALA C 13 -5.09 3.68 18.21
C ALA C 13 -6.31 2.77 18.17
N GLY C 14 -6.53 1.91 19.15
CA GLY C 14 -7.75 1.11 19.14
C GLY C 14 -7.67 -0.03 20.13
N ASP C 15 -8.82 -0.71 20.31
CA ASP C 15 -8.89 -2.02 20.93
C ASP C 15 -8.48 -3.07 19.91
N ILE C 16 -8.04 -4.24 20.37
CA ILE C 16 -7.69 -5.35 19.48
C ILE C 16 -8.86 -6.34 19.45
N THR C 17 -9.55 -6.42 18.31
CA THR C 17 -10.67 -7.33 18.14
C THR C 17 -10.76 -7.76 16.68
N TRP C 18 -11.30 -8.96 16.48
CA TRP C 18 -11.70 -9.40 15.16
C TRP C 18 -12.95 -8.66 14.72
N GLU C 19 -13.03 -8.29 13.44
CA GLU C 19 -14.21 -7.62 12.89
C GLU C 19 -14.96 -8.56 11.96
N LYS C 20 -16.19 -8.92 12.33
CA LYS C 20 -16.91 -9.94 11.55
C LYS C 20 -17.20 -9.50 10.13
N ASP C 21 -17.37 -8.21 9.88
CA ASP C 21 -17.67 -7.82 8.50
C ASP C 21 -16.51 -7.07 7.86
N ALA C 22 -15.35 -7.73 7.82
CA ALA C 22 -14.14 -7.16 7.24
C ALA C 22 -14.02 -7.55 5.77
N GLU C 23 -13.47 -6.63 4.99
CA GLU C 23 -13.09 -6.92 3.61
C GLU C 23 -12.07 -8.06 3.62
N VAL C 24 -12.28 -9.03 2.72
CA VAL C 24 -11.31 -10.08 2.43
C VAL C 24 -10.55 -9.67 1.19
N THR C 25 -9.22 -9.77 1.25
CA THR C 25 -8.41 -9.42 0.09
C THR C 25 -7.02 -10.05 0.27
N GLY C 26 -6.27 -10.03 -0.81
CA GLY C 26 -4.92 -10.56 -0.85
C GLY C 26 -4.90 -11.99 -1.39
N ASN C 27 -3.79 -12.35 -2.03
CA ASN C 27 -3.52 -13.73 -2.42
C ASN C 27 -2.73 -14.43 -1.31
N SER C 28 -2.31 -15.67 -1.58
CA SER C 28 -1.66 -16.56 -0.60
C SER C 28 -0.43 -17.19 -1.23
N PRO C 29 0.60 -16.40 -1.47
CA PRO C 29 1.75 -16.90 -2.23
C PRO C 29 2.63 -17.82 -1.39
N ARG C 30 3.25 -18.76 -2.07
CA ARG C 30 4.25 -19.66 -1.48
C ARG C 30 5.59 -19.24 -2.05
N LEU C 31 6.41 -18.58 -1.24
CA LEU C 31 7.65 -17.94 -1.67
C LEU C 31 8.86 -18.58 -0.98
N ASP C 32 9.91 -18.85 -1.74
CA ASP C 32 11.20 -19.23 -1.15
C ASP C 32 11.98 -17.98 -0.73
N VAL C 33 12.32 -17.89 0.56
CA VAL C 33 13.04 -16.74 1.09
C VAL C 33 14.23 -17.16 1.95
N ALA C 34 15.13 -16.20 2.17
CA ALA C 34 16.20 -16.34 3.14
C ALA C 34 16.12 -15.20 4.16
N LEU C 35 16.51 -15.50 5.39
CA LEU C 35 16.53 -14.56 6.51
C LEU C 35 17.99 -14.40 6.92
N ASP C 36 18.55 -13.21 6.75
CA ASP C 36 19.97 -13.03 7.05
C ASP C 36 20.13 -12.67 8.52
N GLU C 37 21.39 -12.70 8.99
CA GLU C 37 21.63 -12.46 10.41
C GLU C 37 21.16 -11.08 10.84
N SER C 38 20.92 -10.16 9.90
CA SER C 38 20.42 -8.83 10.25
C SER C 38 18.91 -8.77 10.39
N GLY C 39 18.21 -9.89 10.25
CA GLY C 39 16.75 -9.88 10.33
C GLY C 39 16.05 -9.48 9.05
N ASP C 40 16.74 -9.52 7.92
CA ASP C 40 16.17 -9.10 6.64
C ASP C 40 15.81 -10.33 5.82
N PHE C 41 14.59 -10.33 5.24
CA PHE C 41 14.19 -11.36 4.30
C PHE C 41 14.60 -10.97 2.89
N SER C 42 14.98 -11.97 2.09
CA SER C 42 15.16 -11.78 0.65
C SER C 42 14.58 -12.96 -0.13
N LEU C 43 14.27 -12.73 -1.42
CA LEU C 43 13.81 -13.82 -2.27
C LEU C 43 15.00 -14.64 -2.74
N VAL C 44 14.78 -15.93 -2.88
CA VAL C 44 15.85 -16.83 -3.34
C VAL C 44 15.78 -16.97 -4.85
N GLU C 45 16.94 -16.98 -5.49
CA GLU C 45 17.03 -17.19 -6.94
C GLU C 45 17.47 -18.62 -7.27
N LYS D 13 -8.37 1.65 39.20
CA LYS D 13 -8.46 0.38 39.94
C LYS D 13 -7.14 -0.40 39.85
N LYS D 14 -6.80 -1.05 40.95
CA LYS D 14 -5.58 -1.85 40.99
C LYS D 14 -5.70 -3.04 40.03
N GLY D 15 -4.69 -3.16 39.14
CA GLY D 15 -4.65 -4.17 38.11
C GLY D 15 -5.14 -3.72 36.75
N GLU D 16 -5.69 -2.51 36.63
CA GLU D 16 -6.28 -2.06 35.37
C GLU D 16 -5.19 -1.58 34.42
N THR D 17 -4.79 -2.42 33.46
CA THR D 17 -3.78 -2.09 32.47
C THR D 17 -4.43 -1.63 31.16
N THR D 18 -3.60 -1.06 30.29
CA THR D 18 -4.06 -0.26 29.14
C THR D 18 -3.89 -1.01 27.82
N ASP D 19 -4.53 -2.18 27.71
CA ASP D 19 -4.37 -3.02 26.52
C ASP D 19 -4.89 -2.32 25.28
N GLY D 20 -4.28 -2.65 24.14
CA GLY D 20 -4.74 -2.14 22.87
C GLY D 20 -3.57 -2.01 21.90
N VAL D 21 -3.88 -1.42 20.76
CA VAL D 21 -2.90 -1.17 19.73
C VAL D 21 -2.56 0.31 19.77
N TYR D 22 -1.29 0.62 19.58
CA TYR D 22 -0.74 1.96 19.74
C TYR D 22 0.10 2.33 18.54
N ARG D 23 0.07 3.63 18.19
CA ARG D 23 1.02 4.22 17.25
C ARG D 23 2.33 4.56 17.94
N VAL D 24 3.44 4.32 17.25
CA VAL D 24 4.76 4.73 17.71
C VAL D 24 5.14 5.96 16.91
N MET D 25 5.27 7.08 17.61
CA MET D 25 5.40 8.41 17.04
C MET D 25 6.77 8.99 17.37
N THR D 26 7.35 9.76 16.44
CA THR D 26 8.47 10.64 16.77
C THR D 26 7.92 11.98 17.25
N ARG D 27 8.72 12.69 18.03
CA ARG D 27 8.20 13.94 18.56
C ARG D 27 8.30 15.06 17.52
N ARG D 28 7.71 16.20 17.88
CA ARG D 28 7.52 17.32 16.94
C ARG D 28 8.81 17.74 16.24
N LEU D 29 9.97 17.32 16.74
CA LEU D 29 11.25 17.71 16.16
C LEU D 29 11.52 17.02 14.82
N LEU D 30 11.06 15.77 14.66
CA LEU D 30 11.37 14.96 13.50
C LEU D 30 10.22 14.87 12.52
N GLY D 31 9.14 15.62 12.76
CA GLY D 31 7.99 15.66 11.88
C GLY D 31 6.71 15.16 12.51
N SER D 32 6.75 14.68 13.75
CA SER D 32 5.61 13.98 14.35
C SER D 32 5.16 12.86 13.43
N THR D 33 6.13 12.05 13.01
CA THR D 33 5.93 10.96 12.06
C THR D 33 5.53 9.70 12.83
N GLN D 34 4.59 8.95 12.27
CA GLN D 34 4.36 7.59 12.76
C GLN D 34 5.41 6.68 12.12
N VAL D 35 6.28 6.10 12.95
CA VAL D 35 7.30 5.16 12.47
C VAL D 35 6.90 3.70 12.68
N GLY D 36 5.89 3.44 13.50
CA GLY D 36 5.44 2.09 13.63
C GLY D 36 4.21 2.01 14.51
N VAL D 37 3.97 0.79 15.00
CA VAL D 37 2.78 0.40 15.73
C VAL D 37 3.22 -0.67 16.71
N GLY D 38 2.45 -0.82 17.80
CA GLY D 38 2.71 -1.92 18.70
C GLY D 38 1.48 -2.34 19.49
N VAL D 39 1.66 -3.43 20.25
CA VAL D 39 0.58 -4.07 21.01
C VAL D 39 0.91 -3.97 22.50
N MET D 40 -0.01 -3.39 23.28
CA MET D 40 0.04 -3.41 24.74
C MET D 40 -0.85 -4.55 25.20
N GLN D 41 -0.24 -5.54 25.86
CA GLN D 41 -1.01 -6.67 26.37
C GLN D 41 -0.34 -7.14 27.66
N GLU D 42 -1.12 -7.26 28.72
CA GLU D 42 -0.66 -7.80 29.99
C GLU D 42 0.51 -6.99 30.53
N GLY D 43 0.43 -5.68 30.36
CA GLY D 43 1.43 -4.76 30.89
C GLY D 43 2.68 -4.63 30.06
N VAL D 44 2.76 -5.25 28.90
CA VAL D 44 3.97 -5.28 28.09
C VAL D 44 3.68 -4.69 26.72
N PHE D 45 4.61 -3.87 26.24
CA PHE D 45 4.49 -3.30 24.90
C PHE D 45 5.33 -4.10 23.92
N HIS D 46 4.70 -4.56 22.85
CA HIS D 46 5.32 -5.42 21.86
C HIS D 46 5.41 -4.68 20.52
N THR D 47 6.61 -4.59 19.94
CA THR D 47 6.73 -4.00 18.61
C THR D 47 7.88 -4.66 17.86
N MET D 48 8.17 -4.17 16.67
CA MET D 48 9.24 -4.72 15.87
C MET D 48 10.53 -3.95 16.14
N TRP D 49 11.67 -4.67 16.16
CA TRP D 49 12.93 -4.01 16.51
C TRP D 49 13.26 -2.85 15.57
N HIS D 50 13.01 -3.02 14.27
CA HIS D 50 13.38 -1.99 13.31
C HIS D 50 12.59 -0.70 13.49
N VAL D 51 11.50 -0.73 14.22
CA VAL D 51 10.74 0.49 14.48
C VAL D 51 11.43 1.38 15.51
N THR D 52 11.86 0.81 16.66
CA THR D 52 12.43 1.61 17.74
C THR D 52 13.92 1.41 17.93
N LYS D 53 14.48 0.35 17.36
CA LYS D 53 15.86 -0.04 17.59
C LYS D 53 16.15 -0.16 19.08
N GLY D 54 15.14 -0.51 19.87
CA GLY D 54 15.31 -0.65 21.32
C GLY D 54 15.30 0.64 22.10
N ALA D 55 15.11 1.78 21.45
CA ALA D 55 15.08 3.05 22.15
C ALA D 55 13.93 3.12 23.16
N ALA D 56 14.15 3.88 24.24
CA ALA D 56 13.12 4.08 25.24
C ALA D 56 11.93 4.85 24.66
N LEU D 57 10.75 4.58 25.23
CA LEU D 57 9.49 5.16 24.76
C LEU D 57 8.82 5.94 25.88
N ARG D 58 8.16 7.03 25.52
CA ARG D 58 7.35 7.83 26.43
C ARG D 58 5.91 7.40 26.28
N SER D 59 5.24 7.18 27.42
CA SER D 59 3.83 6.81 27.49
C SER D 59 3.17 7.75 28.48
N GLY D 60 2.55 8.81 27.98
CA GLY D 60 2.11 9.86 28.89
C GLY D 60 3.34 10.44 29.57
N GLU D 61 3.31 10.49 30.90
CA GLU D 61 4.45 10.97 31.68
C GLU D 61 5.39 9.86 32.11
N GLY D 62 5.13 8.58 31.72
CA GLY D 62 6.01 7.48 32.05
C GLY D 62 7.02 7.17 30.95
N ARG D 63 7.98 6.33 31.28
CA ARG D 63 8.98 5.86 30.33
C ARG D 63 8.92 4.35 30.26
N LEU D 64 8.93 3.81 29.03
CA LEU D 64 8.95 2.38 28.82
C LEU D 64 10.35 1.96 28.41
N ASP D 65 10.92 1.03 29.15
CA ASP D 65 12.26 0.53 28.86
C ASP D 65 12.24 -0.86 28.24
N PRO D 66 13.14 -1.13 27.29
CA PRO D 66 13.21 -2.46 26.69
C PRO D 66 13.56 -3.52 27.72
N TYR D 67 12.98 -4.68 27.53
CA TYR D 67 13.16 -5.82 28.39
C TYR D 67 13.72 -7.05 27.65
N TRP D 68 13.31 -7.28 26.41
CA TRP D 68 13.83 -8.40 25.63
C TRP D 68 13.85 -7.93 24.18
N GLY D 69 14.85 -8.34 23.43
CA GLY D 69 14.79 -8.08 21.99
C GLY D 69 15.72 -8.99 21.23
N ASP D 70 15.44 -9.11 19.94
CA ASP D 70 16.19 -10.00 19.07
C ASP D 70 16.16 -9.43 17.66
N VAL D 71 17.32 -9.02 17.17
CA VAL D 71 17.43 -8.38 15.86
C VAL D 71 17.03 -9.33 14.73
N LYS D 72 17.40 -10.59 14.82
CA LYS D 72 17.12 -11.48 13.70
C LYS D 72 15.62 -11.76 13.61
N GLN D 73 14.97 -12.00 14.75
CA GLN D 73 13.51 -12.11 14.78
C GLN D 73 12.81 -10.78 14.48
N ASP D 74 13.52 -9.65 14.67
CA ASP D 74 13.03 -8.30 14.47
C ASP D 74 11.89 -7.98 15.43
N LEU D 75 12.04 -8.39 16.70
CA LEU D 75 11.06 -8.15 17.74
C LEU D 75 11.68 -7.54 19.00
N VAL D 76 10.86 -6.79 19.72
CA VAL D 76 11.28 -6.21 21.01
C VAL D 76 10.06 -6.08 21.90
N SER D 77 10.27 -6.35 23.20
CA SER D 77 9.26 -6.08 24.22
C SER D 77 9.78 -5.09 25.25
N TYR D 78 8.82 -4.35 25.82
CA TYR D 78 9.08 -3.30 26.82
C TYR D 78 8.28 -3.61 28.08
N CYS D 79 8.91 -3.40 29.25
CA CYS D 79 8.32 -3.45 30.57
C CYS D 79 8.19 -4.88 31.08
N GLY D 80 8.43 -5.89 30.25
CA GLY D 80 8.28 -7.26 30.65
C GLY D 80 8.54 -8.17 29.49
N PRO D 81 8.45 -9.49 29.73
CA PRO D 81 8.74 -10.47 28.68
C PRO D 81 7.64 -10.53 27.63
N TRP D 82 8.01 -10.99 26.44
CA TRP D 82 7.06 -11.17 25.35
C TRP D 82 5.88 -12.03 25.80
N LYS D 83 4.65 -11.55 25.57
CA LYS D 83 3.45 -12.21 26.08
C LYS D 83 2.63 -12.93 25.02
N LEU D 84 2.88 -12.66 23.74
CA LEU D 84 2.00 -13.13 22.67
C LEU D 84 2.49 -14.49 22.18
N ASP D 85 1.67 -15.52 22.31
CA ASP D 85 2.13 -16.81 21.80
C ASP D 85 1.07 -17.59 21.04
N ALA D 86 -0.04 -16.97 20.64
CA ALA D 86 -0.95 -17.63 19.71
C ALA D 86 -0.24 -17.82 18.37
N ALA D 87 -0.58 -18.90 17.69
CA ALA D 87 0.02 -19.25 16.40
C ALA D 87 -1.02 -19.37 15.31
N TRP D 88 -0.65 -18.96 14.10
CA TRP D 88 -1.50 -19.24 12.95
C TRP D 88 -1.67 -20.75 12.87
N ASP D 89 -2.92 -21.20 12.67
CA ASP D 89 -3.18 -22.63 12.61
C ASP D 89 -2.86 -23.24 11.27
N GLY D 90 -2.38 -22.45 10.29
CA GLY D 90 -1.98 -22.97 9.01
C GLY D 90 -3.10 -23.18 8.02
N LEU D 91 -4.33 -22.95 8.41
CA LEU D 91 -5.52 -23.30 7.66
C LEU D 91 -6.52 -22.16 7.53
N SER D 92 -6.68 -21.33 8.56
CA SER D 92 -7.77 -20.37 8.61
C SER D 92 -7.35 -18.99 8.14
N GLU D 93 -8.34 -18.24 7.68
CA GLU D 93 -8.13 -16.82 7.43
C GLU D 93 -7.83 -16.08 8.74
N VAL D 94 -7.11 -14.98 8.60
CA VAL D 94 -6.64 -14.14 9.70
C VAL D 94 -7.03 -12.72 9.36
N GLN D 95 -6.84 -11.80 10.31
CA GLN D 95 -7.07 -10.38 10.07
C GLN D 95 -5.86 -9.54 10.48
N LEU D 96 -5.41 -8.69 9.58
CA LEU D 96 -4.48 -7.63 9.92
C LEU D 96 -5.27 -6.46 10.49
N LEU D 97 -4.92 -6.06 11.71
CA LEU D 97 -5.49 -4.84 12.28
C LEU D 97 -4.51 -3.73 11.91
N ALA D 98 -4.67 -3.22 10.71
CA ALA D 98 -3.74 -2.26 10.18
C ALA D 98 -3.95 -0.90 10.81
N VAL D 99 -2.85 -0.30 11.25
CA VAL D 99 -2.86 1.07 11.80
C VAL D 99 -1.98 1.91 10.90
N PRO D 100 -2.45 2.33 9.71
CA PRO D 100 -1.59 3.13 8.85
C PRO D 100 -1.41 4.55 9.39
N PRO D 101 -0.25 5.14 9.17
CA PRO D 101 -0.10 6.56 9.50
C PRO D 101 -1.21 7.41 8.92
N GLY D 102 -1.78 8.26 9.77
CA GLY D 102 -2.79 9.22 9.35
C GLY D 102 -4.16 8.64 9.08
N GLU D 103 -4.38 7.38 9.38
CA GLU D 103 -5.67 6.76 9.12
C GLU D 103 -6.11 5.95 10.33
N ARG D 104 -7.42 5.85 10.48
CA ARG D 104 -8.03 5.04 11.53
C ARG D 104 -7.65 3.57 11.35
N ALA D 105 -7.49 2.88 12.47
CA ALA D 105 -7.29 1.43 12.45
C ALA D 105 -8.43 0.72 11.73
N LYS D 106 -8.08 -0.28 10.94
CA LYS D 106 -9.06 -1.01 10.15
C LYS D 106 -8.64 -2.46 10.06
N ASN D 107 -9.63 -3.35 10.05
CA ASN D 107 -9.37 -4.78 9.92
C ASN D 107 -9.45 -5.25 8.47
N ILE D 108 -8.45 -6.02 8.05
CA ILE D 108 -8.36 -6.57 6.70
C ILE D 108 -8.17 -8.07 6.83
N GLN D 109 -9.11 -8.85 6.25
CA GLN D 109 -9.08 -10.31 6.34
C GLN D 109 -8.37 -10.88 5.12
N THR D 110 -7.63 -11.96 5.33
CA THR D 110 -6.86 -12.56 4.25
C THR D 110 -6.57 -14.00 4.63
N LEU D 111 -6.26 -14.82 3.61
CA LEU D 111 -5.67 -16.14 3.85
C LEU D 111 -4.17 -16.05 3.65
N PRO D 112 -3.36 -16.27 4.66
CA PRO D 112 -1.91 -16.16 4.47
C PRO D 112 -1.38 -17.13 3.43
N GLY D 113 -0.33 -16.68 2.76
CA GLY D 113 0.60 -17.58 2.09
C GLY D 113 1.71 -18.05 3.02
N ILE D 114 2.86 -18.40 2.44
CA ILE D 114 3.92 -19.12 3.15
C ILE D 114 5.27 -18.58 2.69
N PHE D 115 6.09 -18.16 3.66
CA PHE D 115 7.53 -18.00 3.48
C PHE D 115 8.18 -19.36 3.74
N LYS D 116 8.81 -19.94 2.71
CA LYS D 116 9.51 -21.21 2.85
C LYS D 116 10.99 -20.91 3.02
N THR D 117 11.58 -21.37 4.12
CA THR D 117 12.98 -21.15 4.42
C THR D 117 13.68 -22.48 4.64
N LYS D 118 15.00 -22.41 4.82
CA LYS D 118 15.78 -23.61 5.11
C LYS D 118 15.49 -24.17 6.50
N ASP D 119 14.87 -23.37 7.37
CA ASP D 119 14.55 -23.77 8.74
C ASP D 119 13.04 -23.92 8.96
N GLY D 120 12.27 -24.06 7.90
CA GLY D 120 10.83 -24.29 8.04
C GLY D 120 10.03 -23.12 7.50
N ASP D 121 8.71 -23.31 7.55
CA ASP D 121 7.74 -22.44 6.91
C ASP D 121 7.16 -21.48 7.93
N ILE D 122 6.86 -20.27 7.46
CA ILE D 122 6.28 -19.19 8.24
C ILE D 122 5.12 -18.66 7.42
N GLY D 123 3.98 -18.46 8.06
CA GLY D 123 2.90 -17.77 7.39
C GLY D 123 3.29 -16.35 7.00
N ALA D 124 2.62 -15.85 5.98
CA ALA D 124 2.96 -14.57 5.38
C ALA D 124 1.68 -13.99 4.78
N VAL D 125 1.50 -12.67 4.95
CA VAL D 125 0.32 -11.98 4.44
C VAL D 125 0.71 -11.05 3.30
N ALA D 126 -0.01 -11.18 2.17
CA ALA D 126 0.21 -10.37 0.96
C ALA D 126 -0.71 -9.16 1.01
N LEU D 127 -0.36 -8.25 1.92
CA LEU D 127 -1.07 -7.00 2.17
C LEU D 127 -0.01 -5.90 2.17
N ASP D 128 -0.27 -4.84 1.41
CA ASP D 128 0.71 -3.78 1.13
C ASP D 128 0.28 -2.47 1.79
N TYR D 129 0.93 -2.13 2.92
CA TYR D 129 0.77 -0.88 3.66
C TYR D 129 2.09 -0.13 3.82
N PRO D 130 2.04 1.17 4.10
CA PRO D 130 3.30 1.91 4.30
C PRO D 130 4.11 1.37 5.46
N ALA D 131 5.40 1.72 5.43
CA ALA D 131 6.37 1.22 6.40
C ALA D 131 6.00 1.57 7.83
N GLY D 132 5.36 2.72 8.04
CA GLY D 132 4.96 3.11 9.41
C GLY D 132 3.85 2.28 10.00
N THR D 133 3.30 1.33 9.23
CA THR D 133 2.31 0.37 9.67
C THR D 133 2.97 -0.81 10.37
N SER D 134 4.31 -0.89 10.29
CA SER D 134 5.07 -1.97 10.92
C SER D 134 4.74 -2.08 12.40
N GLY D 135 4.50 -3.31 12.84
CA GLY D 135 4.11 -3.63 14.19
C GLY D 135 2.63 -3.81 14.40
N SER D 136 1.82 -3.57 13.37
CA SER D 136 0.39 -3.80 13.45
C SER D 136 0.14 -5.28 13.71
N PRO D 137 -0.84 -5.61 14.55
CA PRO D 137 -1.08 -7.02 14.90
C PRO D 137 -1.89 -7.76 13.86
N ILE D 138 -1.56 -9.02 13.69
CA ILE D 138 -2.31 -9.98 12.91
C ILE D 138 -3.04 -10.87 13.88
N LEU D 139 -4.32 -11.18 13.61
CA LEU D 139 -5.21 -11.79 14.59
C LEU D 139 -5.82 -13.08 14.08
N ASP D 140 -6.11 -14.00 15.01
CA ASP D 140 -6.94 -15.15 14.68
C ASP D 140 -8.40 -14.83 15.00
N LYS D 141 -9.28 -15.79 14.71
CA LYS D 141 -10.72 -15.50 14.79
C LYS D 141 -11.19 -15.27 16.22
N SER D 142 -10.45 -15.77 17.20
CA SER D 142 -10.79 -15.50 18.59
C SER D 142 -10.18 -14.20 19.09
N GLY D 143 -9.57 -13.41 18.21
CA GLY D 143 -9.05 -12.11 18.55
C GLY D 143 -7.63 -12.10 19.12
N ARG D 144 -6.97 -13.24 19.18
CA ARG D 144 -5.62 -13.29 19.71
C ARG D 144 -4.61 -12.85 18.66
N VAL D 145 -3.53 -12.23 19.12
CA VAL D 145 -2.46 -11.73 18.25
C VAL D 145 -1.55 -12.91 17.91
N ILE D 146 -1.54 -13.31 16.64
CA ILE D 146 -0.68 -14.41 16.18
C ILE D 146 0.64 -13.93 15.60
N GLY D 147 0.86 -12.62 15.56
CA GLY D 147 2.15 -12.07 15.17
C GLY D 147 1.98 -10.62 14.78
N LEU D 148 3.11 -10.00 14.40
CA LEU D 148 3.16 -8.61 13.97
C LEU D 148 3.56 -8.49 12.49
N TYR D 149 2.97 -7.48 11.83
CA TYR D 149 3.16 -7.14 10.42
C TYR D 149 4.34 -6.21 10.24
N GLY D 150 5.15 -6.45 9.23
CA GLY D 150 6.17 -5.49 8.87
C GLY D 150 7.60 -5.94 8.65
N ASN D 151 7.89 -7.25 8.71
CA ASN D 151 9.18 -7.76 8.27
C ASN D 151 8.91 -8.72 7.12
N GLY D 152 9.33 -8.35 5.92
CA GLY D 152 8.95 -9.04 4.71
C GLY D 152 9.83 -8.73 3.53
N VAL D 153 9.24 -8.81 2.33
CA VAL D 153 9.96 -8.63 1.07
C VAL D 153 9.07 -7.89 0.07
N VAL D 154 9.70 -7.05 -0.76
CA VAL D 154 9.08 -6.54 -1.98
C VAL D 154 9.27 -7.56 -3.09
N ILE D 155 8.19 -7.87 -3.81
CA ILE D 155 8.27 -8.84 -4.90
C ILE D 155 8.30 -8.14 -6.26
N LYS D 156 8.22 -8.92 -7.33
CA LYS D 156 8.69 -8.47 -8.62
C LYS D 156 7.77 -7.42 -9.23
N ASN D 157 6.49 -7.47 -8.90
CA ASN D 157 5.51 -6.55 -9.44
C ASN D 157 5.38 -5.30 -8.61
N GLY D 158 6.23 -5.14 -7.59
CA GLY D 158 6.28 -3.95 -6.78
C GLY D 158 5.57 -4.05 -5.47
N SER D 159 4.78 -5.11 -5.26
CA SER D 159 3.96 -5.23 -4.05
C SER D 159 4.79 -5.84 -2.92
N TYR D 160 4.17 -5.86 -1.74
CA TYR D 160 4.88 -6.25 -0.51
C TYR D 160 4.19 -7.42 0.16
N VAL D 161 4.98 -8.36 0.66
CA VAL D 161 4.48 -9.50 1.43
C VAL D 161 5.21 -9.54 2.78
N SER D 162 4.43 -9.60 3.87
CA SER D 162 4.98 -9.62 5.24
C SER D 162 4.94 -11.00 5.88
N ALA D 163 6.02 -11.38 6.56
CA ALA D 163 5.92 -12.52 7.47
C ALA D 163 4.90 -12.23 8.56
N ILE D 164 4.32 -13.30 9.11
CA ILE D 164 3.60 -13.26 10.39
C ILE D 164 4.65 -13.55 11.44
N THR D 165 5.22 -12.50 12.05
CA THR D 165 6.36 -12.63 12.95
C THR D 165 5.84 -12.71 14.39
N GLN D 166 6.09 -13.84 15.06
CA GLN D 166 5.65 -14.10 16.42
C GLN D 166 6.85 -14.43 17.27
N GLY D 167 6.82 -13.95 18.53
CA GLY D 167 7.80 -14.29 19.53
C GLY D 167 7.45 -15.53 20.33
N LYS D 168 8.26 -15.80 21.36
CA LYS D 168 8.03 -16.90 22.28
C LYS D 168 7.66 -16.33 23.66
N ARG D 169 6.66 -16.93 24.31
CA ARG D 169 6.34 -16.55 25.68
C ARG D 169 7.15 -17.37 26.70
#